data_6VRD
#
_entry.id   6VRD
#
_cell.length_a   46.760
_cell.length_b   53.030
_cell.length_c   106.477
_cell.angle_alpha   90.000
_cell.angle_beta   90.000
_cell.angle_gamma   90.000
#
_symmetry.space_group_name_H-M   'P 21 21 21'
#
loop_
_entity.id
_entity.type
_entity.pdbx_description
1 polymer 'Ribonuclease H1'
2 polymer "RNA (5'-R(*UP*GP*GP*CP*GP*AP*GP*UP*GP*GP*GP*UP*GP*AP*GP*UP*GP*AP*GP*G)-3')"
3 polymer "RNA (5'-R(*(OMC)P*(N7X)P*(T39)P*(C5L)P*(A2M))-D(P*(SC)P*(PST)P*(SC)P*(AS)P*(SC)P*(SC)P*(SC)P*(AS)P*(SC)P*(PST))-R(P*(6OO)P*(RFJ)P*(6OO)P*(6OO)P*(6NW))-3')"
4 non-polymer 'SULFATE ION'
5 non-polymer GLYCEROL
6 non-polymer DI(HYDROXYETHYL)ETHER
7 water water
#
loop_
_entity_poly.entity_id
_entity_poly.type
_entity_poly.pdbx_seq_one_letter_code
_entity_poly.pdbx_strand_id
1 'polypeptide(L)'
;HHHHHHHHMSWLLFLAHRVALAALPCRRGSRGFGMFYAVRRGRKTGVFLTWNECRAQVDRFPAARFKKFATEDEAWAFVR
KSASPEVSEGHENQHGQESEAKASKRLREPLDGDGHESAEPYAKHMKPSVEPAPPVSRDTFSYMGDFVVVYTDGCCSSNG
RRRPRAGIGVYWGPGHPLNVGIRLPGRQTNQRAEIHAACKAIEQAKTQNINKLVLYTNSMFTINGITNWVQGWKKNGWKT
SAGKEVINKEDFVALERLTQGMDIQWMHVPGHSGFIGNEEADRLAREGAKQSED
;
A
2 'polyribonucleotide' UGGCGAGUGGGUGAGUGAGG B
3 'polyribonucleotide'
;(OMC)(N7X)(T39)(C5L)(A2M)(SC)(PST)(SC)(AS)(SC)(SC)(SC)(AS)(SC)(PST)(6OO)(RFJ)
(6OO)(6OO)(6NW)
;
C
#
# COMPACT_ATOMS: atom_id res chain seq x y z
N GLY A 145 8.86 -9.19 18.33
CA GLY A 145 10.09 -9.95 18.25
C GLY A 145 10.60 -10.22 16.84
N ASP A 146 10.29 -11.43 16.36
CA ASP A 146 10.71 -11.85 15.02
C ASP A 146 10.06 -10.99 13.94
N PHE A 147 8.75 -10.82 14.00
CA PHE A 147 8.02 -9.99 13.05
C PHE A 147 7.82 -8.59 13.61
N VAL A 148 7.67 -7.63 12.70
CA VAL A 148 7.46 -6.23 13.04
C VAL A 148 6.11 -5.82 12.44
N VAL A 149 5.30 -5.12 13.23
CA VAL A 149 3.97 -4.66 12.82
C VAL A 149 4.05 -3.26 12.20
N VAL A 150 3.39 -3.09 11.05
CA VAL A 150 3.32 -1.79 10.38
C VAL A 150 1.90 -1.59 9.89
N TYR A 151 1.41 -0.36 9.96
CA TYR A 151 0.09 0.01 9.45
C TYR A 151 0.28 0.90 8.24
N THR A 152 -0.49 0.63 7.18
CA THR A 152 -0.38 1.41 5.95
C THR A 152 -1.75 1.88 5.52
N ASP A 153 -1.76 3.00 4.81
CA ASP A 153 -3.01 3.47 4.24
C ASP A 153 -2.73 4.32 3.01
N GLY A 154 -3.61 4.21 2.05
CA GLY A 154 -3.60 5.14 0.92
C GLY A 154 -4.94 5.87 0.83
N CYS A 155 -4.93 7.18 0.67
CA CYS A 155 -6.15 7.97 0.57
C CYS A 155 -6.13 8.77 -0.73
N CYS A 156 -7.29 9.29 -1.17
CA CYS A 156 -7.33 10.12 -2.37
C CYS A 156 -8.55 11.07 -2.25
N SER A 157 -8.29 12.32 -1.92
N SER A 157 -8.30 12.31 -1.88
CA SER A 157 -9.35 13.31 -2.02
CA SER A 157 -9.42 13.25 -1.94
C SER A 157 -9.84 13.39 -3.45
C SER A 157 -9.82 13.46 -3.38
N SER A 158 -11.13 13.66 -3.63
CA SER A 158 -11.64 13.86 -4.99
C SER A 158 -11.37 12.63 -5.87
N ASN A 159 -11.45 11.43 -5.29
CA ASN A 159 -11.27 10.20 -6.07
C ASN A 159 -12.38 10.05 -7.07
N GLY A 160 -12.02 10.05 -8.36
CA GLY A 160 -13.01 9.99 -9.42
C GLY A 160 -13.47 11.36 -9.89
N ARG A 161 -13.00 12.44 -9.26
CA ARG A 161 -13.37 13.81 -9.63
C ARG A 161 -12.23 14.48 -10.39
N ARG A 162 -12.38 15.79 -10.66
N ARG A 162 -12.39 15.77 -10.71
CA ARG A 162 -11.50 16.47 -11.60
CA ARG A 162 -11.45 16.41 -11.64
C ARG A 162 -10.11 16.74 -11.03
C ARG A 162 -10.10 16.76 -11.04
N ARG A 163 -9.99 16.87 -9.72
CA ARG A 163 -8.72 17.25 -9.08
C ARG A 163 -8.34 16.32 -7.91
N PRO A 164 -8.10 15.04 -8.21
CA PRO A 164 -7.81 14.08 -7.14
C PRO A 164 -6.43 14.34 -6.54
N ARG A 165 -6.30 14.10 -5.23
CA ARG A 165 -5.01 14.23 -4.54
C ARG A 165 -4.82 12.99 -3.67
N ALA A 166 -3.82 12.17 -3.98
CA ALA A 166 -3.59 10.88 -3.34
C ALA A 166 -2.37 10.95 -2.44
N GLY A 167 -2.44 10.29 -1.28
CA GLY A 167 -1.37 10.28 -0.31
C GLY A 167 -1.18 8.89 0.27
N ILE A 168 0.01 8.65 0.81
CA ILE A 168 0.31 7.39 1.46
C ILE A 168 0.81 7.66 2.86
N GLY A 169 0.37 6.81 3.79
CA GLY A 169 0.81 6.86 5.18
C GLY A 169 1.33 5.50 5.62
N VAL A 170 2.45 5.52 6.33
CA VAL A 170 3.07 4.31 6.88
C VAL A 170 3.41 4.57 8.33
N TYR A 171 2.84 3.80 9.24
CA TYR A 171 3.00 4.05 10.67
C TYR A 171 3.61 2.83 11.35
N TRP A 172 4.80 3.06 11.96
CA TRP A 172 5.57 2.03 12.65
C TRP A 172 5.37 2.09 14.17
N GLY A 173 4.76 3.15 14.68
CA GLY A 173 4.58 3.30 16.12
C GLY A 173 4.81 4.73 16.54
N PRO A 174 4.40 5.08 17.77
CA PRO A 174 4.46 6.48 18.22
C PRO A 174 5.90 6.97 18.19
N GLY A 175 6.12 8.10 17.51
CA GLY A 175 7.44 8.72 17.47
C GLY A 175 8.48 8.00 16.64
N HIS A 176 8.10 6.94 15.92
N HIS A 176 8.09 6.98 15.90
CA HIS A 176 9.09 6.20 15.14
CA HIS A 176 9.05 6.23 15.11
C HIS A 176 9.57 7.06 13.97
C HIS A 176 9.56 7.09 13.97
N PRO A 177 10.88 7.19 13.78
CA PRO A 177 11.40 8.09 12.73
C PRO A 177 11.07 7.68 11.32
N LEU A 178 10.70 6.43 11.09
CA LEU A 178 10.29 6.00 9.76
C LEU A 178 8.82 6.25 9.42
N ASN A 179 8.04 6.80 10.34
CA ASN A 179 6.66 7.14 9.96
C ASN A 179 6.69 8.16 8.84
N VAL A 180 5.90 7.94 7.79
CA VAL A 180 5.88 8.86 6.65
C VAL A 180 4.45 9.14 6.20
N GLY A 181 4.26 10.34 5.65
CA GLY A 181 3.03 10.76 5.01
C GLY A 181 3.43 11.56 3.80
N ILE A 182 3.29 10.98 2.61
CA ILE A 182 3.88 11.58 1.43
C ILE A 182 2.88 11.52 0.28
N ARG A 183 3.11 12.38 -0.71
CA ARG A 183 2.24 12.41 -1.89
C ARG A 183 2.52 11.23 -2.81
N LEU A 184 1.46 10.67 -3.36
CA LEU A 184 1.61 9.58 -4.33
C LEU A 184 2.03 10.13 -5.69
N PRO A 185 3.06 9.55 -6.31
CA PRO A 185 3.39 9.85 -7.70
C PRO A 185 2.40 9.19 -8.66
N GLY A 186 2.31 9.78 -9.86
CA GLY A 186 1.59 9.11 -10.95
C GLY A 186 0.10 9.38 -10.90
N ARG A 187 -0.68 8.44 -11.41
CA ARG A 187 -2.12 8.63 -11.49
C ARG A 187 -2.65 8.73 -10.06
N GLN A 188 -3.47 9.76 -9.80
CA GLN A 188 -3.97 9.97 -8.44
C GLN A 188 -5.25 9.19 -8.23
N THR A 189 -5.16 8.04 -7.55
CA THR A 189 -6.36 7.23 -7.29
C THR A 189 -6.20 6.55 -5.93
N ASN A 190 -7.35 6.17 -5.36
CA ASN A 190 -7.33 5.47 -4.08
C ASN A 190 -6.61 4.13 -4.19
N GLN A 191 -6.86 3.35 -5.25
CA GLN A 191 -6.35 1.99 -5.33
C GLN A 191 -4.83 2.01 -5.45
N ARG A 192 -4.29 2.97 -6.24
CA ARG A 192 -2.82 3.05 -6.34
C ARG A 192 -2.23 3.54 -5.05
N ALA A 193 -2.93 4.40 -4.34
CA ALA A 193 -2.39 4.87 -3.07
C ALA A 193 -2.31 3.74 -2.06
N GLU A 194 -3.33 2.88 -2.01
CA GLU A 194 -3.33 1.74 -1.09
C GLU A 194 -2.21 0.75 -1.44
N ILE A 195 -2.02 0.49 -2.72
CA ILE A 195 -0.91 -0.39 -3.13
C ILE A 195 0.43 0.22 -2.74
N HIS A 196 0.62 1.50 -3.05
N HIS A 196 0.63 1.51 -3.03
CA HIS A 196 1.92 2.15 -2.84
CA HIS A 196 1.94 2.11 -2.82
C HIS A 196 2.26 2.29 -1.37
C HIS A 196 2.26 2.38 -1.36
N ALA A 197 1.25 2.49 -0.51
CA ALA A 197 1.53 2.56 0.92
C ALA A 197 2.14 1.25 1.40
N ALA A 198 1.61 0.13 0.93
CA ALA A 198 2.21 -1.16 1.27
C ALA A 198 3.62 -1.28 0.70
N CYS A 199 3.84 -0.82 -0.55
CA CYS A 199 5.19 -0.88 -1.14
C CYS A 199 6.18 -0.12 -0.30
N LYS A 200 5.80 1.10 0.11
CA LYS A 200 6.68 1.96 0.88
C LYS A 200 7.06 1.30 2.19
N ALA A 201 6.10 0.67 2.87
CA ALA A 201 6.43 -0.04 4.11
C ALA A 201 7.44 -1.14 3.86
N ILE A 202 7.28 -1.91 2.79
CA ILE A 202 8.22 -3.02 2.51
C ILE A 202 9.60 -2.47 2.16
N GLU A 203 9.64 -1.42 1.34
N GLU A 203 9.69 -1.44 1.34
CA GLU A 203 10.89 -0.77 1.00
CA GLU A 203 11.04 -0.92 1.08
C GLU A 203 11.63 -0.32 2.26
C GLU A 203 11.67 -0.39 2.36
N GLN A 204 10.91 0.33 3.17
CA GLN A 204 11.48 0.80 4.43
C GLN A 204 11.96 -0.36 5.26
N ALA A 205 11.21 -1.46 5.27
CA ALA A 205 11.62 -2.60 6.08
C ALA A 205 12.95 -3.16 5.58
N LYS A 206 13.12 -3.22 4.26
CA LYS A 206 14.41 -3.68 3.73
C LYS A 206 15.54 -2.75 4.13
N THR A 207 15.32 -1.44 4.19
CA THR A 207 16.41 -0.56 4.61
C THR A 207 16.83 -0.80 6.05
N GLN A 208 15.95 -1.37 6.85
N GLN A 208 15.96 -1.40 6.85
CA GLN A 208 16.18 -1.71 8.26
CA GLN A 208 16.23 -1.71 8.25
C GLN A 208 16.63 -3.16 8.45
C GLN A 208 16.62 -3.16 8.45
N ASN A 209 16.83 -3.89 7.36
CA ASN A 209 17.12 -5.32 7.39
C ASN A 209 16.02 -6.10 8.09
N ILE A 210 14.75 -5.72 7.84
CA ILE A 210 13.60 -6.44 8.36
C ILE A 210 13.02 -7.25 7.21
N ASN A 211 12.95 -8.57 7.35
CA ASN A 211 12.36 -9.40 6.32
C ASN A 211 11.08 -10.10 6.78
N LYS A 212 10.54 -9.75 7.94
N LYS A 212 10.54 -9.75 7.94
CA LYS A 212 9.34 -10.36 8.50
CA LYS A 212 9.33 -10.37 8.50
C LYS A 212 8.41 -9.25 8.98
C LYS A 212 8.40 -9.26 8.97
N LEU A 213 7.27 -9.07 8.28
CA LEU A 213 6.36 -7.97 8.56
C LEU A 213 4.95 -8.48 8.75
N VAL A 214 4.26 -7.85 9.68
CA VAL A 214 2.81 -7.92 9.80
C VAL A 214 2.31 -6.60 9.26
N LEU A 215 1.67 -6.66 8.07
CA LEU A 215 1.37 -5.45 7.31
C LEU A 215 -0.14 -5.26 7.30
N TYR A 216 -0.63 -4.24 7.98
CA TYR A 216 -2.06 -3.92 8.02
C TYR A 216 -2.44 -2.98 6.89
N THR A 217 -3.59 -3.25 6.26
CA THR A 217 -4.18 -2.30 5.32
C THR A 217 -5.68 -2.56 5.32
N ASN A 218 -6.50 -1.52 5.04
CA ASN A 218 -7.93 -1.77 4.85
C ASN A 218 -8.27 -2.19 3.45
N SER A 219 -7.28 -2.35 2.58
CA SER A 219 -7.57 -2.57 1.15
C SER A 219 -7.50 -4.06 0.83
N MET A 220 -8.68 -4.70 0.74
CA MET A 220 -8.75 -6.09 0.29
C MET A 220 -8.37 -6.22 -1.16
N PHE A 221 -8.55 -5.16 -1.95
CA PHE A 221 -8.02 -5.17 -3.31
C PHE A 221 -6.50 -5.36 -3.33
N THR A 222 -5.80 -4.66 -2.43
CA THR A 222 -4.36 -4.80 -2.36
C THR A 222 -3.98 -6.19 -1.86
N ILE A 223 -4.64 -6.65 -0.81
CA ILE A 223 -4.30 -7.95 -0.22
C ILE A 223 -4.58 -9.08 -1.20
N ASN A 224 -5.77 -9.13 -1.76
CA ASN A 224 -6.09 -10.20 -2.67
C ASN A 224 -5.29 -10.09 -3.96
N GLY A 225 -4.99 -8.89 -4.42
CA GLY A 225 -4.10 -8.74 -5.56
C GLY A 225 -2.75 -9.37 -5.33
N ILE A 226 -2.13 -9.09 -4.19
CA ILE A 226 -0.75 -9.54 -4.00
C ILE A 226 -0.67 -11.00 -3.56
N THR A 227 -1.70 -11.51 -2.91
CA THR A 227 -1.68 -12.86 -2.38
C THR A 227 -2.33 -13.86 -3.32
N ASN A 228 -3.19 -13.42 -4.23
CA ASN A 228 -4.00 -14.33 -5.07
C ASN A 228 -3.94 -13.97 -6.54
N TRP A 229 -4.05 -12.71 -6.90
CA TRP A 229 -4.31 -12.42 -8.33
C TRP A 229 -3.04 -12.29 -9.16
N VAL A 230 -1.94 -11.80 -8.57
N VAL A 230 -1.96 -11.82 -8.55
CA VAL A 230 -0.77 -11.55 -9.41
CA VAL A 230 -0.76 -11.56 -9.33
C VAL A 230 -0.17 -12.86 -9.93
C VAL A 230 -0.20 -12.84 -9.92
N GLN A 231 -0.32 -13.96 -9.20
CA GLN A 231 0.19 -15.23 -9.68
C GLN A 231 -0.49 -15.62 -10.98
N GLY A 232 -1.81 -15.49 -11.01
CA GLY A 232 -2.54 -15.80 -12.24
C GLY A 232 -2.29 -14.81 -13.34
N TRP A 233 -2.03 -13.55 -12.99
CA TRP A 233 -1.75 -12.52 -13.99
C TRP A 233 -0.40 -12.77 -14.67
N LYS A 234 0.63 -13.12 -13.90
CA LYS A 234 1.90 -13.46 -14.52
C LYS A 234 1.72 -14.62 -15.50
N LYS A 235 0.80 -15.52 -15.20
CA LYS A 235 0.62 -16.71 -16.02
C LYS A 235 -0.24 -16.47 -17.24
N ASN A 236 -1.13 -15.47 -17.22
CA ASN A 236 -2.07 -15.27 -18.33
C ASN A 236 -1.87 -13.97 -19.11
N GLY A 237 -0.79 -13.24 -18.88
CA GLY A 237 -0.57 -12.00 -19.59
C GLY A 237 -1.32 -10.83 -18.98
N TRP A 238 -1.60 -10.87 -17.70
CA TRP A 238 -2.17 -9.72 -16.98
C TRP A 238 -3.54 -9.31 -17.51
N LYS A 239 -4.42 -10.30 -17.62
CA LYS A 239 -5.80 -10.11 -18.04
C LYS A 239 -6.72 -10.34 -16.87
N THR A 240 -7.69 -9.46 -16.72
CA THR A 240 -8.72 -9.65 -15.72
C THR A 240 -9.68 -10.75 -16.15
N SER A 241 -10.55 -11.14 -15.24
CA SER A 241 -11.49 -12.19 -15.60
C SER A 241 -12.44 -11.76 -16.71
N ALA A 242 -12.60 -10.46 -16.91
CA ALA A 242 -13.41 -9.90 -18.01
C ALA A 242 -12.62 -9.77 -19.31
N GLY A 243 -11.35 -10.13 -19.30
CA GLY A 243 -10.52 -10.16 -20.47
C GLY A 243 -9.86 -8.86 -20.80
N LYS A 244 -9.83 -7.92 -19.87
CA LYS A 244 -9.24 -6.62 -20.12
C LYS A 244 -7.88 -6.55 -19.45
N GLU A 245 -7.09 -5.56 -19.82
N GLU A 245 -7.11 -5.55 -19.83
CA GLU A 245 -5.78 -5.42 -19.21
CA GLU A 245 -5.83 -5.35 -19.18
C GLU A 245 -5.89 -4.84 -17.79
C GLU A 245 -6.04 -4.97 -17.71
N VAL A 246 -5.10 -5.41 -16.87
CA VAL A 246 -5.06 -4.95 -15.49
C VAL A 246 -4.56 -3.52 -15.48
N ILE A 247 -5.37 -2.61 -14.94
N ILE A 247 -5.38 -2.60 -14.97
CA ILE A 247 -5.09 -1.18 -15.12
CA ILE A 247 -5.06 -1.19 -15.13
C ILE A 247 -3.83 -0.78 -14.36
C ILE A 247 -3.77 -0.86 -14.40
N ASN A 248 -3.65 -1.29 -13.13
CA ASN A 248 -2.55 -0.96 -12.26
C ASN A 248 -1.44 -2.03 -12.32
N LYS A 249 -1.25 -2.66 -13.49
CA LYS A 249 -0.23 -3.68 -13.67
C LYS A 249 1.11 -3.26 -13.09
N GLU A 250 1.58 -2.06 -13.45
CA GLU A 250 2.92 -1.63 -13.08
C GLU A 250 3.05 -1.48 -11.58
N ASP A 251 1.96 -1.14 -10.90
CA ASP A 251 1.98 -1.03 -9.44
C ASP A 251 2.04 -2.39 -8.77
N PHE A 252 1.28 -3.36 -9.32
CA PHE A 252 1.36 -4.70 -8.79
C PHE A 252 2.70 -5.36 -9.14
N VAL A 253 3.30 -5.03 -10.30
CA VAL A 253 4.64 -5.53 -10.60
C VAL A 253 5.61 -5.02 -9.55
N ALA A 254 5.52 -3.72 -9.21
CA ALA A 254 6.40 -3.15 -8.22
C ALA A 254 6.20 -3.82 -6.87
N LEU A 255 4.93 -4.02 -6.46
CA LEU A 255 4.67 -4.63 -5.16
C LEU A 255 5.19 -6.06 -5.14
N GLU A 256 4.92 -6.82 -6.20
CA GLU A 256 5.38 -8.20 -6.26
C GLU A 256 6.90 -8.30 -6.13
N ARG A 257 7.61 -7.41 -6.82
N ARG A 257 7.63 -7.36 -6.76
CA ARG A 257 9.07 -7.35 -6.68
CA ARG A 257 9.09 -7.37 -6.66
C ARG A 257 9.45 -7.15 -5.22
C ARG A 257 9.57 -7.04 -5.25
N LEU A 258 8.87 -6.12 -4.58
CA LEU A 258 9.23 -5.81 -3.22
C LEU A 258 8.94 -6.97 -2.28
N THR A 259 7.91 -7.79 -2.54
CA THR A 259 7.62 -8.90 -1.63
C THR A 259 8.64 -10.04 -1.75
N GLN A 260 9.45 -10.08 -2.80
CA GLN A 260 10.42 -11.16 -2.90
C GLN A 260 11.38 -11.06 -1.74
N GLY A 261 11.68 -12.21 -1.14
CA GLY A 261 12.59 -12.20 -0.01
C GLY A 261 11.98 -11.77 1.31
N MET A 262 10.67 -11.54 1.35
CA MET A 262 9.99 -11.11 2.58
C MET A 262 9.00 -12.19 2.99
N ASP A 263 8.81 -12.32 4.33
CA ASP A 263 7.69 -13.06 4.91
C ASP A 263 6.71 -12.01 5.40
N ILE A 264 5.52 -11.95 4.81
CA ILE A 264 4.54 -10.92 5.17
C ILE A 264 3.26 -11.60 5.60
N GLN A 265 2.77 -11.26 6.78
CA GLN A 265 1.41 -11.57 7.17
C GLN A 265 0.56 -10.37 6.74
N TRP A 266 -0.24 -10.54 5.68
CA TRP A 266 -1.08 -9.45 5.17
C TRP A 266 -2.37 -9.42 5.98
N MET A 267 -2.62 -8.34 6.70
CA MET A 267 -3.73 -8.28 7.65
C MET A 267 -4.73 -7.24 7.23
N HIS A 268 -5.98 -7.64 7.04
CA HIS A 268 -7.02 -6.65 6.77
C HIS A 268 -7.45 -5.98 8.07
N VAL A 269 -7.50 -4.65 8.05
CA VAL A 269 -7.95 -3.85 9.18
C VAL A 269 -9.46 -3.95 9.12
N PRO A 270 -10.14 -4.53 10.12
CA PRO A 270 -11.60 -4.64 10.03
C PRO A 270 -12.24 -3.28 10.17
N GLY A 271 -13.30 -3.05 9.40
CA GLY A 271 -14.11 -1.84 9.51
C GLY A 271 -14.40 -1.46 10.95
N HIS A 272 -14.26 -0.18 11.28
CA HIS A 272 -14.34 0.33 12.65
C HIS A 272 -13.16 -0.29 13.41
N SER A 273 -13.38 -0.84 14.59
CA SER A 273 -12.51 -1.74 15.34
C SER A 273 -11.45 -1.02 16.18
N GLY A 274 -11.34 0.30 16.09
CA GLY A 274 -10.56 1.03 17.08
C GLY A 274 -9.11 0.63 17.12
N PHE A 275 -8.50 0.40 15.97
CA PHE A 275 -7.07 0.13 15.87
C PHE A 275 -6.39 1.48 15.71
N ILE A 276 -5.74 1.97 16.77
CA ILE A 276 -5.09 3.29 16.72
C ILE A 276 -4.04 3.35 15.60
N GLY A 277 -3.34 2.24 15.36
CA GLY A 277 -2.31 2.25 14.32
C GLY A 277 -2.91 2.58 12.97
N ASN A 278 -4.11 2.07 12.71
CA ASN A 278 -4.80 2.36 11.46
C ASN A 278 -5.20 3.83 11.34
N GLU A 279 -5.71 4.42 12.44
CA GLU A 279 -6.04 5.85 12.40
C GLU A 279 -4.79 6.71 12.22
N GLU A 280 -3.67 6.31 12.81
CA GLU A 280 -2.41 7.05 12.63
C GLU A 280 -1.93 6.98 11.19
N ALA A 281 -1.99 5.80 10.55
CA ALA A 281 -1.60 5.71 9.14
C ALA A 281 -2.51 6.54 8.25
N ASP A 282 -3.80 6.55 8.56
CA ASP A 282 -4.77 7.34 7.79
C ASP A 282 -4.46 8.83 7.91
N ARG A 283 -4.08 9.29 9.12
CA ARG A 283 -3.75 10.71 9.26
C ARG A 283 -2.50 11.07 8.49
N LEU A 284 -1.52 10.19 8.48
CA LEU A 284 -0.30 10.43 7.71
C LEU A 284 -0.59 10.50 6.23
N ALA A 285 -1.44 9.59 5.73
CA ALA A 285 -1.80 9.61 4.33
C ALA A 285 -2.45 10.95 3.96
N ARG A 286 -3.33 11.46 4.81
N ARG A 286 -3.34 11.46 4.82
CA ARG A 286 -3.99 12.73 4.49
CA ARG A 286 -3.97 12.75 4.53
C ARG A 286 -3.00 13.89 4.52
C ARG A 286 -2.94 13.86 4.46
N GLU A 287 -1.96 13.83 5.36
CA GLU A 287 -0.88 14.81 5.28
C GLU A 287 -0.16 14.74 3.95
N GLY A 288 0.10 13.53 3.46
CA GLY A 288 0.83 13.37 2.21
C GLY A 288 0.05 13.90 1.02
N ALA A 289 -1.27 13.71 1.04
CA ALA A 289 -2.07 14.13 -0.11
C ALA A 289 -2.05 15.64 -0.27
N LYS A 290 -1.77 16.37 0.80
CA LYS A 290 -1.71 17.83 0.77
C LYS A 290 -0.36 18.34 0.24
N GLN A 291 0.62 17.46 0.06
CA GLN A 291 1.94 17.85 -0.43
C GLN A 291 1.97 17.84 -1.97
N SER A 292 2.97 18.50 -2.53
CA SER A 292 3.03 18.65 -3.97
C SER A 292 3.45 17.35 -4.64
N GLU A 293 3.00 17.17 -5.89
CA GLU A 293 3.31 15.95 -6.63
C GLU A 293 4.65 16.05 -7.34
#